data_4PGE
#
_entry.id   4PGE
#
_cell.length_a   87.933
_cell.length_b   136.665
_cell.length_c   45.231
_cell.angle_alpha   90.000
_cell.angle_beta   90.000
_cell.angle_gamma   90.000
#
_symmetry.space_group_name_H-M   'P 21 21 2'
#
loop_
_entity.id
_entity.type
_entity.pdbx_description
1 polymer 'H-2 class I histocompatibility antigen, K-B alpha chain'
2 polymer Beta-2-microglobulin
3 polymer 'Sendai virus nucleoprotein'
4 non-polymer GLYCEROL
5 non-polymer (4S)-2-METHYL-2,4-PENTANEDIOL
6 water water
#
loop_
_entity_poly.entity_id
_entity_poly.type
_entity_poly.pdbx_seq_one_letter_code
_entity_poly.pdbx_strand_id
1 'polypeptide(L)'
;MGSSHHHHHHSSGLVPRGSHMLEDPMGPHSLRYFVTAVSRPGLGEPRYMEVGYVDDTEFVRFDSDAENPRYEPRARWMEQ
EGPEYWERETQKAKGNEQSFRVDLRTLLGYYNQSKGGSHTIQVISGCEVGSDGRLLRGYQQYAYDGCDYIALNEDLKTWT
AADMAALITKHKWEQAGEAERLRAYLEGTCVEWLRRYLKNGNATLLRTDSPKAHVTHHSRPEDKVTLRCWALGFYPADIT
LTWQLNGEELIQDMELVETRPAGDGTFQKWASVVVPLGKEQYYTCHVYHQGLPEPLTLRWEPPP
;
A
2 'polypeptide(L)'
;MIQKTPQIQVYSRHPPENGKPNILNCYVTQFHPPHIEIQMLKNGKKIPKVEMSDMSFSKDWSFYILAHTEFTPTETDTYA
CRVKHDSMAEPKTVYWDRDM
;
B
3 'polypeptide(L)' FAPGNYPAW C
#
# COMPACT_ATOMS: atom_id res chain seq x y z
N GLY A 27 15.25 2.37 14.74
CA GLY A 27 15.34 2.02 13.30
C GLY A 27 15.02 3.21 12.39
N PRO A 28 15.07 2.99 11.06
CA PRO A 28 14.82 4.06 10.10
C PRO A 28 13.34 4.36 9.93
N HIS A 29 13.02 5.52 9.37
CA HIS A 29 11.64 5.91 9.13
C HIS A 29 11.51 6.64 7.81
N SER A 30 10.30 6.64 7.25
CA SER A 30 10.05 7.27 5.97
C SER A 30 8.78 8.11 5.99
N LEU A 31 8.76 9.16 5.16
CA LEU A 31 7.56 9.94 4.86
C LEU A 31 7.37 9.80 3.37
N ARG A 32 6.21 9.29 2.94
CA ARG A 32 5.97 9.04 1.52
CA ARG A 32 5.96 9.01 1.52
C ARG A 32 4.59 9.55 1.10
N TYR A 33 4.53 10.09 -0.11
CA TYR A 33 3.28 10.55 -0.69
C TYR A 33 3.06 9.85 -2.02
N PHE A 34 1.96 9.10 -2.08
CA PHE A 34 1.55 8.41 -3.30
C PHE A 34 0.47 9.24 -3.99
N VAL A 35 0.73 9.65 -5.23
CA VAL A 35 -0.21 10.46 -5.99
C VAL A 35 -0.65 9.71 -7.24
N THR A 36 -1.94 9.82 -7.55
CA THR A 36 -2.50 9.18 -8.73
C THR A 36 -3.53 10.08 -9.41
N ALA A 37 -3.42 10.24 -10.71
CA ALA A 37 -4.43 10.93 -11.50
C ALA A 37 -4.90 10.03 -12.63
N VAL A 38 -6.22 9.89 -12.78
CA VAL A 38 -6.79 8.95 -13.74
C VAL A 38 -7.85 9.66 -14.57
N SER A 39 -7.65 9.75 -15.88
CA SER A 39 -8.64 10.38 -16.75
C SER A 39 -9.82 9.44 -16.93
N ARG A 40 -10.97 10.01 -17.23
CA ARG A 40 -12.18 9.26 -17.50
C ARG A 40 -12.99 10.03 -18.55
N PRO A 41 -12.65 9.84 -19.83
CA PRO A 41 -13.31 10.52 -20.94
C PRO A 41 -14.82 10.34 -20.93
N GLY A 42 -15.55 11.44 -21.14
CA GLY A 42 -17.00 11.41 -21.12
C GLY A 42 -17.63 11.44 -19.74
N LEU A 43 -16.81 11.39 -18.68
CA LEU A 43 -17.32 11.36 -17.31
C LEU A 43 -16.85 12.53 -16.47
N GLY A 44 -16.31 13.56 -17.11
CA GLY A 44 -15.85 14.76 -16.42
C GLY A 44 -14.37 14.70 -16.09
N GLU A 45 -13.97 15.40 -15.03
CA GLU A 45 -12.56 15.61 -14.73
C GLU A 45 -11.90 14.34 -14.19
N PRO A 46 -10.57 14.24 -14.30
CA PRO A 46 -9.86 13.07 -13.78
C PRO A 46 -10.08 12.82 -12.30
N ARG A 47 -10.00 11.55 -11.90
CA ARG A 47 -9.96 11.16 -10.50
C ARG A 47 -8.57 11.49 -9.98
N TYR A 48 -8.50 12.22 -8.88
CA TYR A 48 -7.22 12.63 -8.31
C TYR A 48 -7.14 12.27 -6.84
N MET A 49 -6.08 11.56 -6.47
CA MET A 49 -5.85 11.13 -5.09
C MET A 49 -4.41 11.34 -4.65
N GLU A 50 -4.25 11.70 -3.38
CA GLU A 50 -2.96 11.73 -2.71
C GLU A 50 -3.11 10.92 -1.44
N VAL A 51 -2.15 10.05 -1.15
CA VAL A 51 -2.16 9.29 0.10
C VAL A 51 -0.77 9.39 0.73
N GLY A 52 -0.73 9.82 1.99
CA GLY A 52 0.53 9.99 2.72
C GLY A 52 0.74 8.89 3.73
N TYR A 53 1.98 8.42 3.85
CA TYR A 53 2.36 7.38 4.81
C TYR A 53 3.56 7.84 5.62
N VAL A 54 3.51 7.63 6.93
CA VAL A 54 4.71 7.63 7.76
C VAL A 54 5.00 6.16 8.03
N ASP A 55 6.18 5.71 7.62
CA ASP A 55 6.50 4.29 7.53
C ASP A 55 5.41 3.55 6.78
N ASP A 56 4.81 2.53 7.39
CA ASP A 56 3.83 1.70 6.68
CA ASP A 56 3.85 1.65 6.75
C ASP A 56 2.40 2.06 7.06
N THR A 57 2.22 3.18 7.76
CA THR A 57 0.91 3.61 8.24
C THR A 57 0.37 4.82 7.48
N GLU A 58 -0.83 4.70 6.91
CA GLU A 58 -1.51 5.82 6.26
C GLU A 58 -1.80 6.89 7.31
N PHE A 59 -1.49 8.14 7.01
CA PHE A 59 -1.73 9.22 7.98
C PHE A 59 -2.49 10.44 7.45
N VAL A 60 -2.47 10.65 6.13
CA VAL A 60 -3.29 11.67 5.48
C VAL A 60 -3.76 11.21 4.11
N ARG A 61 -4.83 11.84 3.61
CA ARG A 61 -5.32 11.53 2.28
CA ARG A 61 -5.29 11.56 2.26
C ARG A 61 -6.17 12.67 1.70
N PHE A 62 -6.13 12.78 0.38
CA PHE A 62 -7.00 13.67 -0.37
C PHE A 62 -7.64 12.82 -1.46
N ASP A 63 -8.95 12.96 -1.66
CA ASP A 63 -9.66 12.26 -2.73
C ASP A 63 -10.65 13.21 -3.42
N SER A 64 -10.43 13.47 -4.70
CA SER A 64 -11.27 14.39 -5.48
C SER A 64 -12.72 13.93 -5.63
N ASP A 65 -12.97 12.64 -5.41
CA ASP A 65 -14.33 12.10 -5.50
C ASP A 65 -15.17 12.27 -4.23
N ALA A 66 -14.54 12.72 -3.14
CA ALA A 66 -15.28 13.03 -1.91
C ALA A 66 -16.28 14.15 -2.19
N GLU A 67 -17.34 14.23 -1.38
CA GLU A 67 -18.41 15.21 -1.59
C GLU A 67 -17.87 16.63 -1.48
N ASN A 68 -17.02 16.85 -0.48
CA ASN A 68 -16.27 18.09 -0.33
C ASN A 68 -14.78 17.76 -0.20
N PRO A 69 -14.04 17.75 -1.34
CA PRO A 69 -12.67 17.27 -1.30
C PRO A 69 -11.76 18.13 -0.40
N ARG A 70 -11.18 17.50 0.62
CA ARG A 70 -10.30 18.13 1.58
C ARG A 70 -9.19 17.16 1.93
N TYR A 71 -8.02 17.69 2.32
CA TYR A 71 -6.99 16.84 2.91
C TYR A 71 -7.51 16.47 4.30
N GLU A 72 -7.45 15.19 4.66
CA GLU A 72 -8.01 14.70 5.92
CA GLU A 72 -7.97 14.75 5.95
C GLU A 72 -7.00 13.80 6.66
N PRO A 73 -7.05 13.80 8.00
CA PRO A 73 -6.21 12.89 8.78
C PRO A 73 -6.69 11.45 8.67
N ARG A 74 -5.76 10.51 8.72
CA ARG A 74 -6.05 9.09 8.66
C ARG A 74 -5.43 8.34 9.81
N ALA A 75 -4.61 9.03 10.61
CA ALA A 75 -4.11 8.49 11.87
C ALA A 75 -4.50 9.43 13.00
N ARG A 76 -4.77 8.86 14.16
CA ARG A 76 -5.25 9.61 15.34
C ARG A 76 -4.35 10.78 15.73
N TRP A 77 -3.05 10.55 15.74
CA TRP A 77 -2.10 11.58 16.18
C TRP A 77 -2.07 12.84 15.30
N MET A 78 -2.65 12.80 14.11
CA MET A 78 -2.71 13.99 13.27
C MET A 78 -3.72 15.01 13.76
N GLU A 79 -4.49 14.66 14.79
CA GLU A 79 -5.34 15.62 15.50
C GLU A 79 -4.55 16.75 16.15
N GLN A 80 -3.24 16.56 16.32
CA GLN A 80 -2.40 17.58 16.93
C GLN A 80 -2.03 18.73 15.99
N GLU A 81 -2.37 18.62 14.71
CA GLU A 81 -2.16 19.73 13.77
C GLU A 81 -3.37 20.66 13.78
N GLY A 82 -3.12 21.97 13.67
CA GLY A 82 -4.19 22.96 13.70
C GLY A 82 -4.96 23.05 12.39
N PRO A 83 -6.03 23.86 12.37
CA PRO A 83 -6.83 24.02 11.14
C PRO A 83 -6.05 24.63 9.97
N GLU A 84 -5.01 25.40 10.27
CA GLU A 84 -4.17 26.01 9.24
C GLU A 84 -3.40 24.97 8.43
N TYR A 85 -3.00 23.89 9.09
CA TYR A 85 -2.32 22.77 8.42
C TYR A 85 -3.21 22.19 7.32
N TRP A 86 -4.45 21.86 7.68
CA TRP A 86 -5.38 21.21 6.75
C TRP A 86 -5.77 22.13 5.60
N GLU A 87 -5.96 23.42 5.91
CA GLU A 87 -6.24 24.40 4.88
C GLU A 87 -5.11 24.46 3.85
N ARG A 88 -3.87 24.52 4.34
CA ARG A 88 -2.71 24.62 3.46
C ARG A 88 -2.56 23.37 2.59
N GLU A 89 -2.63 22.19 3.21
CA GLU A 89 -2.54 20.92 2.48
C GLU A 89 -3.66 20.81 1.44
N THR A 90 -4.85 21.27 1.79
CA THR A 90 -5.99 21.23 0.86
C THR A 90 -5.72 22.14 -0.35
N GLN A 91 -5.18 23.34 -0.11
CA GLN A 91 -4.85 24.24 -1.22
C GLN A 91 -3.76 23.66 -2.12
N LYS A 92 -2.75 23.01 -1.55
CA LYS A 92 -1.74 22.31 -2.36
C LYS A 92 -2.36 21.24 -3.24
N ALA A 93 -3.22 20.43 -2.64
CA ALA A 93 -3.84 19.31 -3.34
C ALA A 93 -4.67 19.77 -4.55
N LYS A 94 -5.46 20.82 -4.36
CA LYS A 94 -6.29 21.35 -5.44
C LYS A 94 -5.43 21.93 -6.58
N GLY A 95 -4.31 22.56 -6.23
CA GLY A 95 -3.34 23.02 -7.22
C GLY A 95 -2.70 21.85 -7.97
N ASN A 96 -2.23 20.86 -7.22
CA ASN A 96 -1.63 19.67 -7.80
C ASN A 96 -2.59 18.98 -8.75
N GLU A 97 -3.84 18.81 -8.31
CA GLU A 97 -4.89 18.24 -9.16
C GLU A 97 -4.93 18.90 -10.53
N GLN A 98 -4.94 20.23 -10.58
CA GLN A 98 -5.00 20.95 -11.85
C GLN A 98 -3.78 20.69 -12.73
N SER A 99 -2.58 20.65 -12.13
CA SER A 99 -1.36 20.39 -12.88
C SER A 99 -1.43 19.01 -13.57
N PHE A 100 -1.93 17.99 -12.88
CA PHE A 100 -2.03 16.65 -13.47
C PHE A 100 -3.11 16.56 -14.55
N ARG A 101 -4.21 17.30 -14.41
CA ARG A 101 -5.17 17.41 -15.51
C ARG A 101 -4.50 17.89 -16.80
N VAL A 102 -3.65 18.89 -16.67
CA VAL A 102 -2.93 19.45 -17.81
C VAL A 102 -1.94 18.42 -18.35
N ASP A 103 -1.23 17.75 -17.44
CA ASP A 103 -0.29 16.69 -17.81
C ASP A 103 -0.99 15.61 -18.65
N LEU A 104 -2.15 15.17 -18.18
CA LEU A 104 -2.93 14.15 -18.91
C LEU A 104 -3.26 14.60 -20.35
N ARG A 105 -3.65 15.85 -20.53
CA ARG A 105 -3.86 16.43 -21.86
C ARG A 105 -2.57 16.46 -22.70
N THR A 106 -1.51 16.98 -22.11
CA THR A 106 -0.21 17.07 -22.79
C THR A 106 0.27 15.73 -23.31
N LEU A 107 0.13 14.69 -22.50
CA LEU A 107 0.59 13.35 -22.85
C LEU A 107 -0.13 12.75 -24.06
N LEU A 108 -1.39 13.13 -24.28
CA LEU A 108 -2.10 12.67 -25.49
C LEU A 108 -1.37 13.16 -26.74
N GLY A 109 -0.84 14.39 -26.68
CA GLY A 109 0.02 14.93 -27.74
C GLY A 109 1.34 14.19 -27.85
N TYR A 110 2.08 14.10 -26.74
CA TYR A 110 3.35 13.37 -26.69
C TYR A 110 3.28 11.96 -27.28
N TYR A 111 2.25 11.19 -26.92
CA TYR A 111 2.14 9.81 -27.39
C TYR A 111 1.10 9.59 -28.51
N ASN A 112 0.57 10.69 -29.08
CA ASN A 112 -0.41 10.60 -30.17
C ASN A 112 -1.59 9.69 -29.85
N GLN A 113 -2.18 9.89 -28.67
CA GLN A 113 -3.28 9.07 -28.19
C GLN A 113 -4.61 9.81 -28.34
N SER A 114 -5.70 9.08 -28.51
CA SER A 114 -7.02 9.68 -28.66
C SER A 114 -7.56 10.18 -27.32
N LYS A 115 -8.62 10.98 -27.39
CA LYS A 115 -9.24 11.55 -26.20
C LYS A 115 -10.23 10.55 -25.55
N GLY A 116 -10.41 9.38 -26.15
CA GLY A 116 -11.41 8.41 -25.71
C GLY A 116 -10.97 7.40 -24.67
N GLY A 117 -9.65 7.24 -24.50
CA GLY A 117 -9.11 6.23 -23.60
C GLY A 117 -8.75 6.80 -22.24
N SER A 118 -8.80 5.95 -21.22
CA SER A 118 -8.41 6.34 -19.87
C SER A 118 -6.92 6.12 -19.68
N HIS A 119 -6.27 7.03 -18.96
CA HIS A 119 -4.82 6.98 -18.73
C HIS A 119 -4.51 7.37 -17.29
N THR A 120 -3.34 6.96 -16.82
CA THR A 120 -3.00 7.04 -15.40
C THR A 120 -1.62 7.68 -15.20
N ILE A 121 -1.56 8.69 -14.35
CA ILE A 121 -0.28 9.20 -13.87
C ILE A 121 -0.13 8.76 -12.41
N GLN A 122 1.07 8.31 -12.06
CA GLN A 122 1.41 7.97 -10.69
C GLN A 122 2.72 8.63 -10.29
N VAL A 123 2.81 9.07 -9.04
CA VAL A 123 4.01 9.68 -8.49
C VAL A 123 4.23 9.15 -7.09
N ILE A 124 5.50 8.86 -6.78
CA ILE A 124 5.94 8.57 -5.43
C ILE A 124 7.05 9.56 -5.07
N SER A 125 6.84 10.29 -3.98
CA SER A 125 7.81 11.23 -3.44
C SER A 125 8.07 10.88 -1.99
N GLY A 126 9.31 11.00 -1.53
CA GLY A 126 9.54 10.82 -0.11
C GLY A 126 10.97 10.97 0.36
N CYS A 127 11.13 10.91 1.67
CA CYS A 127 12.42 10.99 2.32
C CYS A 127 12.50 9.96 3.44
N GLU A 128 13.72 9.59 3.81
CA GLU A 128 13.92 8.61 4.87
C GLU A 128 15.03 9.10 5.77
N VAL A 129 14.85 8.87 7.07
CA VAL A 129 15.82 9.29 8.07
C VAL A 129 16.21 8.11 8.95
N GLY A 130 17.40 8.20 9.53
CA GLY A 130 17.86 7.23 10.53
C GLY A 130 17.19 7.47 11.87
N SER A 131 17.48 6.62 12.84
CA SER A 131 16.88 6.74 14.17
C SER A 131 17.29 8.05 14.86
N ASP A 132 18.39 8.65 14.40
CA ASP A 132 18.86 9.95 14.89
C ASP A 132 18.24 11.16 14.18
N GLY A 133 17.33 10.92 13.23
CA GLY A 133 16.66 12.01 12.51
C GLY A 133 17.38 12.59 11.29
N ARG A 134 18.59 12.12 11.01
CA ARG A 134 19.37 12.62 9.87
CA ARG A 134 19.37 12.63 9.87
C ARG A 134 18.93 11.95 8.57
N LEU A 135 18.96 12.70 7.48
CA LEU A 135 18.56 12.21 6.16
C LEU A 135 19.38 11.02 5.68
N LEU A 136 18.70 9.96 5.25
CA LEU A 136 19.34 8.81 4.61
C LEU A 136 19.21 8.94 3.09
N ARG A 137 17.99 9.21 2.62
CA ARG A 137 17.78 9.44 1.18
C ARG A 137 16.43 10.08 0.86
N GLY A 138 16.35 10.65 -0.32
CA GLY A 138 15.13 11.25 -0.84
C GLY A 138 14.92 10.78 -2.26
N TYR A 139 13.67 10.80 -2.72
CA TYR A 139 13.37 10.30 -4.06
C TYR A 139 12.07 10.86 -4.61
N GLN A 140 11.97 10.89 -5.93
CA GLN A 140 10.72 11.16 -6.62
C GLN A 140 10.74 10.40 -7.93
N GLN A 141 9.68 9.66 -8.20
CA GLN A 141 9.59 8.86 -9.40
C GLN A 141 8.18 8.95 -9.96
N TYR A 142 8.09 8.99 -11.29
CA TYR A 142 6.81 9.15 -11.99
C TYR A 142 6.59 8.01 -12.94
N ALA A 143 5.32 7.66 -13.17
CA ALA A 143 4.95 6.68 -14.17
C ALA A 143 3.75 7.15 -14.98
N TYR A 144 3.73 6.76 -16.25
CA TYR A 144 2.57 6.95 -17.11
C TYR A 144 2.05 5.58 -17.54
N ASP A 145 0.76 5.35 -17.35
CA ASP A 145 0.12 4.06 -17.67
C ASP A 145 0.91 2.85 -17.13
N GLY A 146 1.36 2.98 -15.88
CA GLY A 146 2.01 1.88 -15.18
C GLY A 146 3.45 1.60 -15.56
N CYS A 147 4.07 2.49 -16.35
CA CYS A 147 5.46 2.35 -16.77
C CYS A 147 6.26 3.59 -16.37
N ASP A 148 7.51 3.38 -15.94
CA ASP A 148 8.43 4.47 -15.62
C ASP A 148 8.37 5.57 -16.68
N TYR A 149 8.28 6.82 -16.25
CA TYR A 149 8.33 7.96 -17.15
C TYR A 149 9.60 8.75 -16.89
N ILE A 150 9.71 9.30 -15.69
CA ILE A 150 10.87 10.11 -15.30
C ILE A 150 11.11 9.96 -13.81
N ALA A 151 12.37 10.11 -13.40
CA ALA A 151 12.74 9.94 -11.99
C ALA A 151 13.93 10.81 -11.60
N LEU A 152 13.92 11.29 -10.37
CA LEU A 152 15.07 11.99 -9.80
C LEU A 152 16.15 10.97 -9.49
N ASN A 153 17.38 11.24 -9.94
CA ASN A 153 18.52 10.37 -9.61
C ASN A 153 18.88 10.52 -8.14
N GLU A 154 19.70 9.59 -7.63
CA GLU A 154 20.05 9.60 -6.20
C GLU A 154 20.88 10.83 -5.79
N ASP A 155 21.55 11.44 -6.77
CA ASP A 155 22.29 12.69 -6.54
C ASP A 155 21.38 13.89 -6.19
N LEU A 156 20.08 13.75 -6.47
CA LEU A 156 19.08 14.79 -6.21
C LEU A 156 19.34 16.07 -7.02
N LYS A 157 20.03 15.93 -8.15
CA LYS A 157 20.39 17.06 -9.01
C LYS A 157 19.93 16.89 -10.45
N THR A 158 19.87 15.63 -10.90
CA THR A 158 19.54 15.31 -12.28
C THR A 158 18.37 14.35 -12.36
N TRP A 159 17.77 14.29 -13.54
CA TRP A 159 16.62 13.44 -13.81
C TRP A 159 17.01 12.34 -14.77
N THR A 160 16.29 11.23 -14.72
CA THR A 160 16.47 10.20 -15.74
C THR A 160 15.14 9.86 -16.40
N ALA A 161 15.13 9.86 -17.74
CA ALA A 161 13.91 9.75 -18.54
C ALA A 161 13.84 8.41 -19.30
N ALA A 162 12.66 7.79 -19.29
CA ALA A 162 12.51 6.42 -19.80
C ALA A 162 12.25 6.33 -21.32
N ASP A 163 11.76 7.40 -21.93
CA ASP A 163 11.46 7.42 -23.37
C ASP A 163 11.53 8.85 -23.93
N MET A 164 11.12 9.03 -25.18
CA MET A 164 11.23 10.32 -25.87
C MET A 164 10.32 11.38 -25.28
N ALA A 165 9.13 10.97 -24.84
CA ALA A 165 8.18 11.88 -24.18
C ALA A 165 8.79 12.44 -22.89
N ALA A 166 9.35 11.55 -22.08
CA ALA A 166 10.00 11.95 -20.83
C ALA A 166 11.22 12.84 -21.04
N LEU A 167 11.89 12.70 -22.18
CA LEU A 167 13.03 13.55 -22.48
C LEU A 167 12.63 15.01 -22.71
N ILE A 168 11.43 15.22 -23.24
CA ILE A 168 10.88 16.56 -23.40
C ILE A 168 10.65 17.16 -22.01
N THR A 169 9.99 16.37 -21.17
CA THR A 169 9.74 16.76 -19.79
C THR A 169 11.05 17.08 -19.06
N LYS A 170 12.05 16.24 -19.26
CA LYS A 170 13.36 16.44 -18.62
C LYS A 170 13.97 17.78 -19.01
N HIS A 171 13.94 18.10 -20.29
CA HIS A 171 14.50 19.36 -20.77
C HIS A 171 13.74 20.56 -20.18
N LYS A 172 12.42 20.45 -20.08
CA LYS A 172 11.63 21.50 -19.42
C LYS A 172 12.09 21.72 -17.98
N TRP A 173 12.21 20.63 -17.23
CA TRP A 173 12.49 20.74 -15.80
C TRP A 173 13.92 21.24 -15.54
N GLU A 174 14.84 20.87 -16.43
CA GLU A 174 16.22 21.36 -16.35
C GLU A 174 16.30 22.87 -16.52
N GLN A 175 15.63 23.41 -17.53
CA GLN A 175 15.69 24.86 -17.77
C GLN A 175 14.91 25.68 -16.74
N ALA A 176 13.97 25.04 -16.05
CA ALA A 176 13.25 25.70 -14.95
C ALA A 176 13.94 25.51 -13.59
N GLY A 177 14.96 24.66 -13.52
CA GLY A 177 15.65 24.37 -12.27
C GLY A 177 14.80 23.63 -11.24
N GLU A 178 13.92 22.75 -11.71
CA GLU A 178 12.99 22.04 -10.82
C GLU A 178 13.68 21.18 -9.78
N ALA A 179 14.79 20.53 -10.15
CA ALA A 179 15.51 19.65 -9.23
C ALA A 179 15.96 20.37 -7.95
N GLU A 180 16.44 21.60 -8.09
CA GLU A 180 16.91 22.39 -6.96
C GLU A 180 15.77 22.67 -5.96
N ARG A 181 14.60 23.03 -6.47
CA ARG A 181 13.44 23.22 -5.62
C ARG A 181 13.07 21.91 -4.91
N LEU A 182 13.08 20.80 -5.65
CA LEU A 182 12.71 19.51 -5.09
C LEU A 182 13.72 19.04 -4.03
N ARG A 183 15.00 19.23 -4.32
CA ARG A 183 16.05 18.89 -3.37
C ARG A 183 15.86 19.63 -2.04
N ALA A 184 15.51 20.92 -2.11
CA ALA A 184 15.31 21.72 -0.89
C ALA A 184 14.16 21.16 -0.06
N TYR A 185 13.10 20.71 -0.72
CA TYR A 185 12.00 20.04 -0.04
C TYR A 185 12.42 18.70 0.59
N LEU A 186 13.07 17.85 -0.20
CA LEU A 186 13.42 16.51 0.28
C LEU A 186 14.42 16.52 1.45
N GLU A 187 15.36 17.46 1.42
CA GLU A 187 16.40 17.55 2.46
C GLU A 187 15.99 18.40 3.66
N GLY A 188 15.04 19.30 3.49
CA GLY A 188 14.66 20.22 4.55
C GLY A 188 13.25 19.99 5.06
N THR A 189 12.28 20.47 4.29
CA THR A 189 10.88 20.39 4.64
C THR A 189 10.44 18.95 4.93
N CYS A 190 10.78 18.02 4.06
CA CYS A 190 10.34 16.63 4.20
C CYS A 190 10.90 16.03 5.49
N VAL A 191 12.20 16.19 5.70
CA VAL A 191 12.89 15.65 6.88
C VAL A 191 12.32 16.26 8.16
N GLU A 192 12.18 17.59 8.17
CA GLU A 192 11.72 18.30 9.36
C GLU A 192 10.30 17.92 9.77
N TRP A 193 9.40 17.75 8.80
CA TRP A 193 8.04 17.33 9.12
C TRP A 193 7.98 15.85 9.53
N LEU A 194 8.76 15.00 8.89
CA LEU A 194 8.86 13.59 9.31
C LEU A 194 9.27 13.49 10.79
N ARG A 195 10.29 14.26 11.19
CA ARG A 195 10.70 14.29 12.60
C ARG A 195 9.54 14.71 13.49
N ARG A 196 8.81 15.74 13.06
CA ARG A 196 7.65 16.22 13.81
C ARG A 196 6.57 15.15 13.95
N TYR A 197 6.28 14.44 12.86
CA TYR A 197 5.26 13.38 12.91
C TYR A 197 5.70 12.22 13.79
N LEU A 198 6.98 11.87 13.74
CA LEU A 198 7.51 10.79 14.59
C LEU A 198 7.42 11.15 16.07
N LYS A 199 7.64 12.43 16.38
CA LYS A 199 7.49 12.92 17.75
C LYS A 199 6.02 12.92 18.17
N ASN A 200 5.18 13.55 17.36
CA ASN A 200 3.74 13.62 17.64
C ASN A 200 3.09 12.24 17.66
N GLY A 201 3.48 11.36 16.75
CA GLY A 201 2.89 10.01 16.68
C GLY A 201 3.68 8.91 17.39
N ASN A 202 4.53 9.29 18.34
CA ASN A 202 5.45 8.36 19.02
C ASN A 202 4.80 7.10 19.57
N ALA A 203 3.68 7.27 20.28
CA ALA A 203 2.98 6.15 20.90
C ALA A 203 2.48 5.13 19.87
N THR A 204 2.26 5.59 18.64
CA THR A 204 1.81 4.74 17.53
C THR A 204 2.98 4.28 16.67
N LEU A 205 3.83 5.22 16.26
CA LEU A 205 4.86 4.96 15.25
C LEU A 205 6.12 4.27 15.77
N LEU A 206 6.42 4.43 17.06
CA LEU A 206 7.66 3.87 17.63
C LEU A 206 7.37 2.63 18.47
N ARG A 207 6.12 2.18 18.47
CA ARG A 207 5.73 1.01 19.23
C ARG A 207 6.21 -0.25 18.53
N THR A 208 6.22 -1.34 19.27
CA THR A 208 6.42 -2.66 18.70
C THR A 208 5.34 -3.58 19.23
N ASP A 209 4.63 -4.24 18.32
CA ASP A 209 3.64 -5.25 18.67
C ASP A 209 4.18 -6.59 18.22
N SER A 210 4.31 -7.54 19.14
CA SER A 210 4.90 -8.85 18.85
C SER A 210 3.97 -9.75 18.05
N PRO A 211 4.49 -10.42 17.02
CA PRO A 211 3.68 -11.39 16.30
C PRO A 211 3.21 -12.54 17.17
N LYS A 212 1.97 -12.96 16.97
CA LYS A 212 1.44 -14.21 17.49
C LYS A 212 1.36 -15.16 16.30
N ALA A 213 1.89 -16.37 16.48
CA ALA A 213 2.04 -17.31 15.39
C ALA A 213 1.32 -18.62 15.67
N HIS A 214 0.77 -19.24 14.62
CA HIS A 214 0.27 -20.61 14.69
C HIS A 214 0.43 -21.30 13.34
N VAL A 215 0.28 -22.62 13.34
CA VAL A 215 0.43 -23.43 12.14
C VAL A 215 -0.86 -24.19 11.83
N THR A 216 -1.32 -24.09 10.58
CA THR A 216 -2.45 -24.91 10.11
C THR A 216 -1.98 -26.00 9.17
N HIS A 217 -2.86 -26.96 8.96
CA HIS A 217 -2.55 -28.24 8.31
C HIS A 217 -3.70 -28.53 7.36
N HIS A 218 -3.38 -28.86 6.11
CA HIS A 218 -4.40 -29.17 5.11
C HIS A 218 -3.97 -30.36 4.25
N SER A 219 -4.89 -31.30 4.05
CA SER A 219 -4.59 -32.47 3.25
C SER A 219 -4.49 -32.09 1.77
N ARG A 220 -3.73 -32.88 1.03
CA ARG A 220 -3.63 -32.77 -0.42
C ARG A 220 -3.81 -34.17 -0.99
N PRO A 221 -3.97 -34.27 -2.32
CA PRO A 221 -3.89 -35.59 -2.94
C PRO A 221 -2.45 -36.09 -2.98
N GLU A 222 -2.28 -37.41 -3.05
CA GLU A 222 -0.98 -38.03 -3.28
C GLU A 222 -0.09 -38.08 -2.01
N ASP A 223 -0.71 -38.28 -0.86
CA ASP A 223 -0.01 -38.44 0.42
C ASP A 223 0.93 -37.27 0.77
N LYS A 224 0.45 -36.05 0.53
CA LYS A 224 1.18 -34.84 0.90
C LYS A 224 0.30 -33.89 1.69
N VAL A 225 0.94 -32.97 2.41
CA VAL A 225 0.24 -32.06 3.32
C VAL A 225 0.78 -30.65 3.16
N THR A 226 -0.13 -29.67 3.16
CA THR A 226 0.24 -28.27 3.19
C THR A 226 0.34 -27.81 4.64
N LEU A 227 1.51 -27.29 5.02
CA LEU A 227 1.68 -26.65 6.32
C LEU A 227 1.77 -25.15 6.13
N ARG A 228 0.92 -24.40 6.82
CA ARG A 228 0.90 -22.95 6.70
C ARG A 228 1.19 -22.32 8.05
N CYS A 229 2.23 -21.49 8.09
CA CYS A 229 2.59 -20.77 9.29
C CYS A 229 2.05 -19.33 9.21
N TRP A 230 1.28 -18.93 10.21
CA TRP A 230 0.66 -17.61 10.27
C TRP A 230 1.39 -16.75 11.29
N ALA A 231 1.55 -15.47 10.97
CA ALA A 231 2.03 -14.48 11.93
C ALA A 231 1.02 -13.33 11.94
N LEU A 232 0.49 -13.03 13.13
CA LEU A 232 -0.63 -12.10 13.29
C LEU A 232 -0.29 -10.99 14.28
N GLY A 233 -0.96 -9.85 14.10
CA GLY A 233 -0.98 -8.78 15.09
C GLY A 233 0.31 -8.03 15.35
N PHE A 234 1.18 -7.94 14.35
CA PHE A 234 2.51 -7.35 14.57
C PHE A 234 2.68 -5.95 13.96
N TYR A 235 3.58 -5.19 14.56
CA TYR A 235 3.97 -3.87 14.10
C TYR A 235 5.40 -3.63 14.57
N PRO A 236 6.26 -3.06 13.71
CA PRO A 236 6.03 -2.64 12.32
C PRO A 236 5.97 -3.81 11.34
N ALA A 237 5.83 -3.50 10.06
CA ALA A 237 5.53 -4.49 9.02
C ALA A 237 6.65 -5.46 8.69
N ASP A 238 7.89 -5.04 8.87
CA ASP A 238 9.04 -5.88 8.54
C ASP A 238 9.02 -7.15 9.40
N ILE A 239 9.05 -8.29 8.75
CA ILE A 239 9.05 -9.57 9.42
C ILE A 239 9.70 -10.58 8.47
N THR A 240 10.22 -11.68 9.02
CA THR A 240 10.71 -12.78 8.21
C THR A 240 10.08 -14.08 8.69
N LEU A 241 9.45 -14.81 7.77
CA LEU A 241 8.91 -16.13 8.02
C LEU A 241 9.64 -17.15 7.17
N THR A 242 10.19 -18.20 7.79
CA THR A 242 10.88 -19.24 7.04
C THR A 242 10.47 -20.63 7.54
N TRP A 243 10.49 -21.60 6.64
CA TRP A 243 10.31 -22.99 7.00
C TRP A 243 11.66 -23.69 6.97
N GLN A 244 11.88 -24.59 7.92
CA GLN A 244 13.14 -25.34 7.98
C GLN A 244 12.90 -26.84 8.07
N LEU A 245 13.81 -27.59 7.45
CA LEU A 245 13.91 -29.04 7.62
C LEU A 245 15.36 -29.36 7.96
N ASN A 246 15.60 -29.88 9.16
CA ASN A 246 16.95 -30.24 9.61
C ASN A 246 17.96 -29.11 9.43
N GLY A 247 17.60 -27.91 9.85
CA GLY A 247 18.52 -26.77 9.87
C GLY A 247 18.76 -26.03 8.56
N GLU A 248 18.18 -26.49 7.45
CA GLU A 248 18.27 -25.75 6.19
C GLU A 248 16.93 -25.10 5.85
N GLU A 249 16.99 -23.86 5.37
CA GLU A 249 15.79 -23.10 5.00
C GLU A 249 15.25 -23.56 3.66
N LEU A 250 13.92 -23.65 3.56
CA LEU A 250 13.23 -24.11 2.36
C LEU A 250 12.66 -22.93 1.58
N ILE A 251 13.48 -21.93 1.31
CA ILE A 251 13.00 -20.66 0.73
C ILE A 251 12.47 -20.85 -0.69
N GLN A 252 13.11 -21.72 -1.46
CA GLN A 252 12.72 -21.96 -2.85
C GLN A 252 11.41 -22.75 -2.98
N ASP A 253 11.04 -23.51 -1.95
CA ASP A 253 9.85 -24.36 -1.97
C ASP A 253 8.65 -23.79 -1.20
N MET A 254 8.74 -22.51 -0.83
CA MET A 254 7.71 -21.87 0.00
C MET A 254 6.72 -21.06 -0.83
N GLU A 255 5.45 -21.09 -0.44
CA GLU A 255 4.49 -20.11 -0.92
C GLU A 255 4.27 -19.05 0.17
N LEU A 256 4.16 -17.80 -0.25
CA LEU A 256 4.08 -16.67 0.66
C LEU A 256 3.02 -15.71 0.15
N VAL A 257 2.45 -14.92 1.05
CA VAL A 257 1.75 -13.71 0.66
C VAL A 257 2.61 -12.54 1.10
N GLU A 258 2.48 -11.43 0.42
CA GLU A 258 3.15 -10.20 0.83
C GLU A 258 2.53 -9.80 2.16
N THR A 259 3.36 -9.26 3.05
CA THR A 259 2.89 -8.74 4.33
C THR A 259 1.73 -7.76 4.08
N ARG A 260 0.68 -7.87 4.89
CA ARG A 260 -0.56 -7.16 4.58
C ARG A 260 -1.22 -6.54 5.80
N PRO A 261 -1.87 -5.37 5.60
CA PRO A 261 -2.53 -4.68 6.69
C PRO A 261 -3.78 -5.43 7.14
N ALA A 262 -4.04 -5.42 8.45
CA ALA A 262 -5.16 -6.19 9.03
C ALA A 262 -6.30 -5.29 9.48
N GLY A 263 -6.29 -4.04 9.04
CA GLY A 263 -7.44 -3.14 9.26
C GLY A 263 -7.41 -2.31 10.52
N ASP A 264 -6.50 -2.61 11.44
CA ASP A 264 -6.42 -1.91 12.73
C ASP A 264 -5.04 -1.30 12.99
N GLY A 265 -4.24 -1.14 11.93
CA GLY A 265 -2.89 -0.60 12.04
C GLY A 265 -1.81 -1.63 12.33
N THR A 266 -2.17 -2.92 12.40
CA THR A 266 -1.19 -4.00 12.52
C THR A 266 -1.10 -4.78 11.21
N PHE A 267 -0.19 -5.73 11.17
CA PHE A 267 0.08 -6.48 9.93
C PHE A 267 -0.02 -7.98 10.16
N GLN A 268 -0.15 -8.71 9.07
CA GLN A 268 -0.13 -10.17 9.11
C GLN A 268 0.53 -10.75 7.87
N LYS A 269 0.94 -12.00 7.99
CA LYS A 269 1.60 -12.70 6.89
C LYS A 269 1.45 -14.20 7.09
N TRP A 270 1.54 -14.94 5.99
CA TRP A 270 1.68 -16.41 6.09
C TRP A 270 2.65 -16.97 5.07
N ALA A 271 3.18 -18.15 5.42
CA ALA A 271 4.16 -18.87 4.61
C ALA A 271 3.81 -20.36 4.66
N SER A 272 3.79 -21.02 3.51
CA SER A 272 3.42 -22.44 3.46
C SER A 272 4.46 -23.31 2.77
N VAL A 273 4.48 -24.58 3.13
CA VAL A 273 5.29 -25.60 2.43
C VAL A 273 4.46 -26.87 2.27
N VAL A 274 4.70 -27.58 1.18
CA VAL A 274 4.10 -28.90 0.96
C VAL A 274 5.08 -29.95 1.43
N VAL A 275 4.61 -30.83 2.32
CA VAL A 275 5.48 -31.86 2.92
C VAL A 275 4.85 -33.25 2.82
N PRO A 276 5.69 -34.32 2.89
CA PRO A 276 5.16 -35.68 2.90
C PRO A 276 4.27 -35.97 4.10
N LEU A 277 3.11 -36.58 3.86
CA LEU A 277 2.20 -36.98 4.93
C LEU A 277 2.92 -37.92 5.88
N GLY A 278 2.79 -37.67 7.19
CA GLY A 278 3.49 -38.45 8.22
C GLY A 278 4.82 -37.87 8.67
N LYS A 279 5.33 -36.88 7.92
CA LYS A 279 6.64 -36.29 8.21
C LYS A 279 6.53 -34.83 8.64
N GLU A 280 5.34 -34.42 9.09
CA GLU A 280 5.09 -33.04 9.47
C GLU A 280 5.96 -32.59 10.64
N GLN A 281 6.19 -33.49 11.60
CA GLN A 281 6.92 -33.16 12.83
C GLN A 281 8.36 -32.67 12.61
N TYR A 282 8.94 -32.96 11.44
CA TYR A 282 10.33 -32.58 11.16
C TYR A 282 10.49 -31.16 10.61
N TYR A 283 9.39 -30.52 10.22
CA TYR A 283 9.44 -29.17 9.67
C TYR A 283 9.13 -28.15 10.77
N THR A 284 9.89 -27.06 10.79
CA THR A 284 9.66 -25.99 11.74
C THR A 284 9.55 -24.64 11.02
N CYS A 285 8.63 -23.80 11.48
CA CYS A 285 8.49 -22.44 10.98
C CYS A 285 9.22 -21.49 11.92
N HIS A 286 9.96 -20.53 11.36
CA HIS A 286 10.70 -19.57 12.17
C HIS A 286 10.24 -18.14 11.88
N VAL A 287 9.93 -17.39 12.95
CA VAL A 287 9.44 -16.02 12.86
C VAL A 287 10.45 -15.05 13.46
N TYR A 288 10.94 -14.12 12.65
CA TYR A 288 11.89 -13.09 13.09
C TYR A 288 11.21 -11.72 13.02
N HIS A 289 11.29 -10.97 14.11
CA HIS A 289 10.65 -9.66 14.22
C HIS A 289 11.30 -8.86 15.34
N GLN A 290 11.30 -7.54 15.23
CA GLN A 290 11.92 -6.71 16.27
C GLN A 290 11.21 -6.81 17.64
N GLY A 291 9.98 -7.30 17.63
CA GLY A 291 9.25 -7.58 18.86
C GLY A 291 9.50 -8.96 19.44
N LEU A 292 10.41 -9.73 18.82
CA LEU A 292 10.74 -11.08 19.27
C LEU A 292 12.22 -11.15 19.66
N PRO A 293 12.53 -10.96 20.96
CA PRO A 293 13.92 -11.02 21.43
C PRO A 293 14.63 -12.27 20.91
N GLU A 294 13.96 -13.41 21.02
CA GLU A 294 14.40 -14.62 20.36
C GLU A 294 13.32 -15.06 19.37
N PRO A 295 13.72 -15.46 18.15
CA PRO A 295 12.77 -15.90 17.13
C PRO A 295 11.85 -17.01 17.62
N LEU A 296 10.59 -16.99 17.18
CA LEU A 296 9.67 -18.08 17.47
C LEU A 296 10.03 -19.28 16.61
N THR A 297 9.79 -20.47 17.16
CA THR A 297 9.92 -21.72 16.42
C THR A 297 8.66 -22.53 16.66
N LEU A 298 7.97 -22.91 15.57
CA LEU A 298 6.68 -23.57 15.67
C LEU A 298 6.66 -24.91 14.95
N ARG A 299 5.83 -25.82 15.44
CA ARG A 299 5.54 -27.09 14.78
C ARG A 299 4.03 -27.24 14.62
N TRP A 300 3.62 -28.19 13.79
CA TRP A 300 2.20 -28.50 13.61
C TRP A 300 1.61 -29.13 14.88
N ILE B 2 -0.24 -2.17 -20.52
CA ILE B 2 -0.16 -2.90 -19.22
C ILE B 2 -1.56 -3.31 -18.76
N GLN B 3 -1.73 -4.58 -18.43
CA GLN B 3 -2.92 -5.04 -17.72
C GLN B 3 -2.56 -6.16 -16.75
N LYS B 4 -2.86 -5.94 -15.47
CA LYS B 4 -2.49 -6.88 -14.41
C LYS B 4 -3.73 -7.22 -13.61
N THR B 5 -4.01 -8.51 -13.49
CA THR B 5 -5.20 -9.01 -12.80
C THR B 5 -5.00 -8.90 -11.30
N PRO B 6 -6.04 -8.45 -10.56
CA PRO B 6 -5.85 -8.33 -9.12
C PRO B 6 -5.74 -9.66 -8.38
N GLN B 7 -4.91 -9.70 -7.35
CA GLN B 7 -4.95 -10.78 -6.38
C GLN B 7 -5.90 -10.33 -5.29
N ILE B 8 -6.80 -11.20 -4.87
CA ILE B 8 -7.81 -10.87 -3.89
C ILE B 8 -7.62 -11.75 -2.68
N GLN B 9 -7.30 -11.15 -1.54
CA GLN B 9 -7.03 -11.90 -0.32
C GLN B 9 -8.02 -11.51 0.77
N VAL B 10 -8.70 -12.50 1.33
CA VAL B 10 -9.74 -12.27 2.33
C VAL B 10 -9.35 -12.90 3.67
N TYR B 11 -9.34 -12.10 4.73
CA TYR B 11 -8.82 -12.59 6.02
C TYR B 11 -9.30 -11.75 7.20
N SER B 12 -9.38 -12.40 8.36
CA SER B 12 -9.75 -11.71 9.59
C SER B 12 -8.50 -11.24 10.35
N ARG B 13 -8.67 -10.19 11.16
CA ARG B 13 -7.58 -9.69 12.02
C ARG B 13 -7.19 -10.69 13.09
N HIS B 14 -8.19 -11.32 13.71
CA HIS B 14 -7.97 -12.37 14.71
C HIS B 14 -8.50 -13.69 14.16
N PRO B 15 -7.93 -14.81 14.62
CA PRO B 15 -8.54 -16.12 14.34
C PRO B 15 -10.01 -16.11 14.81
N PRO B 16 -10.93 -16.54 13.94
CA PRO B 16 -12.35 -16.31 14.25
C PRO B 16 -12.88 -17.16 15.40
N GLU B 17 -13.57 -16.51 16.32
CA GLU B 17 -14.31 -17.16 17.38
C GLU B 17 -15.72 -16.60 17.35
N ASN B 18 -16.70 -17.49 17.23
CA ASN B 18 -18.09 -17.06 17.10
C ASN B 18 -18.52 -16.24 18.30
N GLY B 19 -19.18 -15.11 18.04
CA GLY B 19 -19.65 -14.21 19.09
C GLY B 19 -18.65 -13.15 19.53
N LYS B 20 -17.41 -13.23 19.06
CA LYS B 20 -16.36 -12.27 19.42
C LYS B 20 -16.12 -11.26 18.31
N PRO B 21 -16.12 -9.96 18.62
CA PRO B 21 -15.82 -8.93 17.61
C PRO B 21 -14.45 -9.09 16.95
N ASN B 22 -14.37 -8.73 15.67
CA ASN B 22 -13.21 -9.00 14.83
C ASN B 22 -13.19 -7.98 13.69
N ILE B 23 -12.26 -8.12 12.76
CA ILE B 23 -12.23 -7.28 11.56
C ILE B 23 -12.03 -8.17 10.36
N LEU B 24 -12.86 -7.97 9.32
CA LEU B 24 -12.72 -8.69 8.07
C LEU B 24 -12.03 -7.81 7.04
N ASN B 25 -11.05 -8.37 6.36
CA ASN B 25 -10.25 -7.64 5.40
C ASN B 25 -10.36 -8.24 4.01
N CYS B 26 -10.41 -7.36 3.02
CA CYS B 26 -10.24 -7.76 1.63
C CYS B 26 -9.14 -6.92 1.04
N TYR B 27 -7.98 -7.54 0.83
CA TYR B 27 -6.82 -6.85 0.27
C TYR B 27 -6.73 -7.19 -1.20
N VAL B 28 -6.83 -6.17 -2.04
CA VAL B 28 -6.83 -6.34 -3.49
C VAL B 28 -5.54 -5.73 -4.04
N THR B 29 -4.70 -6.57 -4.65
CA THR B 29 -3.33 -6.18 -4.95
C THR B 29 -2.86 -6.50 -6.35
N GLN B 30 -1.77 -5.85 -6.74
CA GLN B 30 -1.03 -6.12 -7.97
C GLN B 30 -1.86 -5.93 -9.24
N PHE B 31 -2.68 -4.88 -9.28
CA PHE B 31 -3.55 -4.66 -10.43
C PHE B 31 -3.29 -3.33 -11.14
N HIS B 32 -3.62 -3.33 -12.43
CA HIS B 32 -3.52 -2.17 -13.31
C HIS B 32 -4.44 -2.49 -14.49
N PRO B 33 -5.26 -1.52 -14.94
CA PRO B 33 -5.39 -0.12 -14.56
C PRO B 33 -6.11 0.05 -13.21
N PRO B 34 -6.10 1.27 -12.65
CA PRO B 34 -6.58 1.47 -11.28
C PRO B 34 -8.09 1.36 -11.05
N HIS B 35 -8.89 1.57 -12.10
CA HIS B 35 -10.35 1.47 -11.97
C HIS B 35 -10.76 0.08 -11.53
N ILE B 36 -11.57 0.01 -10.47
CA ILE B 36 -11.93 -1.26 -9.88
C ILE B 36 -13.15 -1.06 -8.99
N GLU B 37 -13.98 -2.10 -8.86
CA GLU B 37 -15.09 -2.09 -7.91
C GLU B 37 -14.84 -3.21 -6.93
N ILE B 38 -14.99 -2.90 -5.64
CA ILE B 38 -14.74 -3.87 -4.56
C ILE B 38 -15.89 -3.81 -3.57
N GLN B 39 -16.58 -4.94 -3.39
CA GLN B 39 -17.72 -5.01 -2.47
C GLN B 39 -17.57 -6.15 -1.48
N MET B 40 -17.74 -5.85 -0.20
CA MET B 40 -17.77 -6.86 0.83
C MET B 40 -19.21 -7.33 1.02
N LEU B 41 -19.39 -8.65 1.10
CA LEU B 41 -20.71 -9.27 1.11
C LEU B 41 -20.89 -10.20 2.31
N LYS B 42 -21.98 -10.02 3.05
CA LYS B 42 -22.38 -10.91 4.14
C LYS B 42 -23.61 -11.67 3.69
N ASN B 43 -23.50 -13.00 3.54
CA ASN B 43 -24.62 -13.83 3.10
C ASN B 43 -25.24 -13.32 1.79
N GLY B 44 -24.37 -12.99 0.83
CA GLY B 44 -24.79 -12.50 -0.48
C GLY B 44 -25.23 -11.04 -0.53
N LYS B 45 -25.25 -10.36 0.61
CA LYS B 45 -25.73 -8.97 0.65
C LYS B 45 -24.62 -7.98 0.95
N LYS B 46 -24.62 -6.85 0.23
CA LYS B 46 -23.60 -5.81 0.40
C LYS B 46 -23.55 -5.31 1.85
N ILE B 47 -22.35 -5.31 2.44
CA ILE B 47 -22.13 -4.77 3.76
C ILE B 47 -22.02 -3.24 3.64
N PRO B 48 -22.82 -2.49 4.42
CA PRO B 48 -22.87 -1.04 4.22
C PRO B 48 -21.63 -0.27 4.73
N LYS B 49 -21.15 -0.59 5.93
CA LYS B 49 -20.11 0.22 6.58
C LYS B 49 -18.70 -0.30 6.28
N VAL B 50 -18.27 -0.17 5.02
CA VAL B 50 -16.95 -0.68 4.60
C VAL B 50 -15.97 0.48 4.44
N GLU B 51 -14.84 0.39 5.12
CA GLU B 51 -13.79 1.40 5.02
C GLU B 51 -12.78 1.01 3.96
N MET B 52 -12.44 1.96 3.10
CA MET B 52 -11.36 1.78 2.13
C MET B 52 -10.12 2.49 2.66
N SER B 53 -8.99 1.80 2.62
CA SER B 53 -7.75 2.34 3.20
C SER B 53 -6.51 1.73 2.55
N ASP B 54 -5.35 2.26 2.93
CA ASP B 54 -4.07 1.71 2.54
C ASP B 54 -3.91 1.55 1.02
N MET B 55 -4.32 2.56 0.28
CA MET B 55 -4.03 2.59 -1.15
C MET B 55 -2.56 2.92 -1.36
N SER B 56 -1.89 2.09 -2.15
CA SER B 56 -0.49 2.34 -2.49
C SER B 56 -0.15 1.69 -3.83
N PHE B 57 1.10 1.85 -4.26
CA PHE B 57 1.60 1.04 -5.35
C PHE B 57 2.99 0.48 -5.06
N SER B 58 3.28 -0.64 -5.72
CA SER B 58 4.56 -1.33 -5.55
C SER B 58 5.60 -0.71 -6.48
N LYS B 59 6.81 -1.26 -6.47
CA LYS B 59 7.90 -0.79 -7.33
C LYS B 59 7.63 -0.95 -8.83
N ASP B 60 6.79 -1.92 -9.21
CA ASP B 60 6.37 -2.07 -10.61
C ASP B 60 5.10 -1.25 -10.95
N TRP B 61 4.69 -0.38 -10.03
CA TRP B 61 3.56 0.55 -10.23
C TRP B 61 2.14 -0.05 -10.13
N SER B 62 2.03 -1.32 -9.78
CA SER B 62 0.72 -1.95 -9.66
C SER B 62 0.05 -1.49 -8.37
N PHE B 63 -1.28 -1.40 -8.40
CA PHE B 63 -2.05 -0.84 -7.28
C PHE B 63 -2.40 -1.85 -6.20
N TYR B 64 -2.49 -1.34 -4.97
CA TYR B 64 -2.83 -2.08 -3.77
C TYR B 64 -3.89 -1.28 -3.03
N ILE B 65 -4.91 -1.95 -2.51
CA ILE B 65 -5.90 -1.27 -1.66
C ILE B 65 -6.63 -2.23 -0.73
N LEU B 66 -6.93 -1.75 0.48
CA LEU B 66 -7.61 -2.54 1.50
C LEU B 66 -9.05 -2.09 1.71
N ALA B 67 -9.96 -3.05 1.71
CA ALA B 67 -11.33 -2.85 2.18
C ALA B 67 -11.46 -3.60 3.50
N HIS B 68 -12.04 -2.95 4.50
CA HIS B 68 -12.28 -3.64 5.76
C HIS B 68 -13.52 -3.17 6.52
N THR B 69 -13.97 -4.02 7.42
CA THR B 69 -15.18 -3.79 8.18
C THR B 69 -15.14 -4.57 9.49
N GLU B 70 -15.69 -3.98 10.53
CA GLU B 70 -15.86 -4.67 11.81
C GLU B 70 -16.99 -5.68 11.68
N PHE B 71 -16.78 -6.87 12.22
CA PHE B 71 -17.80 -7.90 12.19
C PHE B 71 -17.66 -8.86 13.36
N THR B 72 -18.76 -9.51 13.69
CA THR B 72 -18.78 -10.57 14.67
C THR B 72 -19.19 -11.86 13.96
N PRO B 73 -18.24 -12.78 13.76
CA PRO B 73 -18.61 -14.02 13.09
C PRO B 73 -19.58 -14.86 13.91
N THR B 74 -20.45 -15.60 13.22
CA THR B 74 -21.33 -16.58 13.83
C THR B 74 -21.08 -17.90 13.12
N GLU B 75 -21.71 -18.97 13.58
CA GLU B 75 -21.52 -20.27 12.95
C GLU B 75 -22.02 -20.26 11.51
N THR B 76 -23.16 -19.60 11.27
CA THR B 76 -23.88 -19.71 9.99
C THR B 76 -23.51 -18.66 8.93
N ASP B 77 -23.07 -17.48 9.35
CA ASP B 77 -22.84 -16.37 8.42
C ASP B 77 -21.64 -16.64 7.50
N THR B 78 -21.82 -16.38 6.21
CA THR B 78 -20.71 -16.47 5.25
C THR B 78 -20.37 -15.07 4.73
N TYR B 79 -19.10 -14.89 4.37
CA TYR B 79 -18.60 -13.60 3.94
C TYR B 79 -17.73 -13.77 2.68
N ALA B 80 -17.78 -12.76 1.81
CA ALA B 80 -17.03 -12.80 0.56
C ALA B 80 -16.67 -11.39 0.13
N CYS B 81 -15.71 -11.32 -0.80
CA CYS B 81 -15.32 -10.07 -1.42
C CYS B 81 -15.52 -10.21 -2.92
N ARG B 82 -16.30 -9.32 -3.51
CA ARG B 82 -16.57 -9.35 -4.94
C ARG B 82 -15.87 -8.20 -5.66
N VAL B 83 -15.09 -8.52 -6.68
CA VAL B 83 -14.26 -7.54 -7.38
C VAL B 83 -14.54 -7.57 -8.89
N LYS B 84 -14.75 -6.39 -9.45
CA LYS B 84 -14.89 -6.21 -10.91
C LYS B 84 -13.69 -5.43 -11.42
N HIS B 85 -13.03 -5.97 -12.45
CA HIS B 85 -11.86 -5.31 -13.03
C HIS B 85 -11.74 -5.68 -14.50
N ASP B 86 -11.28 -4.73 -15.32
CA ASP B 86 -11.16 -4.90 -16.79
C ASP B 86 -10.36 -6.13 -17.22
N SER B 87 -9.43 -6.58 -16.37
CA SER B 87 -8.61 -7.74 -16.68
C SER B 87 -9.38 -9.06 -16.66
N MET B 88 -10.55 -9.07 -16.02
CA MET B 88 -11.32 -10.29 -15.81
C MET B 88 -12.58 -10.31 -16.67
N ALA B 89 -12.90 -11.48 -17.20
CA ALA B 89 -14.12 -11.66 -18.00
C ALA B 89 -15.38 -11.53 -17.13
N GLU B 90 -15.32 -12.09 -15.92
CA GLU B 90 -16.43 -12.08 -14.97
C GLU B 90 -16.03 -11.41 -13.67
N PRO B 91 -17.01 -10.86 -12.93
CA PRO B 91 -16.74 -10.48 -11.55
C PRO B 91 -16.22 -11.68 -10.76
N LYS B 92 -15.25 -11.45 -9.89
CA LYS B 92 -14.66 -12.53 -9.11
C LYS B 92 -15.10 -12.40 -7.66
N THR B 93 -15.71 -13.44 -7.12
CA THR B 93 -16.16 -13.47 -5.73
C THR B 93 -15.26 -14.39 -4.93
N VAL B 94 -14.53 -13.82 -3.97
CA VAL B 94 -13.63 -14.60 -3.13
C VAL B 94 -14.20 -14.75 -1.73
N TYR B 95 -14.44 -16.01 -1.35
CA TYR B 95 -15.02 -16.32 -0.05
C TYR B 95 -13.95 -16.33 1.04
N TRP B 96 -14.33 -15.84 2.21
CA TRP B 96 -13.50 -15.95 3.40
C TRP B 96 -13.43 -17.41 3.82
N ASP B 97 -12.21 -17.94 3.87
CA ASP B 97 -11.97 -19.32 4.30
C ASP B 97 -11.45 -19.28 5.72
N ARG B 98 -12.34 -19.50 6.68
CA ARG B 98 -11.99 -19.34 8.08
C ARG B 98 -11.05 -20.44 8.63
N ASP B 99 -10.88 -21.52 7.88
CA ASP B 99 -9.98 -22.62 8.28
C ASP B 99 -8.62 -22.57 7.58
N MET B 100 -8.33 -21.50 6.85
CA MET B 100 -7.07 -21.40 6.10
C MET B 100 -5.88 -21.30 7.06
N PHE C 1 3.96 16.70 5.36
CA PHE C 1 3.82 17.98 4.63
C PHE C 1 4.06 17.67 3.16
N ALA C 2 2.98 17.67 2.39
CA ALA C 2 3.02 17.15 1.02
C ALA C 2 3.76 18.09 0.08
N PRO C 3 4.33 17.53 -1.00
CA PRO C 3 4.82 18.39 -2.08
C PRO C 3 3.70 19.31 -2.59
N GLY C 4 4.01 20.60 -2.72
CA GLY C 4 3.03 21.61 -3.11
C GLY C 4 3.18 22.09 -4.54
N ASN C 5 4.16 21.55 -5.26
CA ASN C 5 4.32 21.84 -6.67
C ASN C 5 4.86 20.63 -7.39
N TYR C 6 4.08 20.12 -8.34
CA TYR C 6 4.55 19.12 -9.28
C TYR C 6 4.63 19.82 -10.64
N PRO C 7 5.85 20.04 -11.17
CA PRO C 7 5.95 20.80 -12.42
C PRO C 7 5.24 20.10 -13.59
N ALA C 8 4.65 20.90 -14.48
CA ALA C 8 3.94 20.36 -15.63
C ALA C 8 4.90 19.58 -16.52
N TRP C 9 4.41 18.48 -17.08
CA TRP C 9 5.21 17.61 -17.93
C TRP C 9 5.35 18.22 -19.31
#